data_2BBW
#
_entry.id   2BBW
#
_cell.length_a   42.836
_cell.length_b   66.375
_cell.length_c   77.380
_cell.angle_alpha   90.00
_cell.angle_beta   91.50
_cell.angle_gamma   90.00
#
_symmetry.space_group_name_H-M   'P 1 21 1'
#
loop_
_entity.id
_entity.type
_entity.pdbx_description
1 polymer 'adenylate kinase 4, AK4'
2 non-polymer DIGUANOSINE-PENTAPHOSPHATE
3 water water
#
_entity_poly.entity_id   1
_entity_poly.type   'polypeptide(L)'
_entity_poly.pdbx_seq_one_letter_code
;MHHHHHHSSGVDLGTENLYFQSMASKLLRAVILGPPGSGKGTVCQRIAQNFGLQHLSSGHFLRENIKASTEVGEMAKQYI
EKSLLVPDHVITRLMMSELENRRGQHWLLDGFPRTLGQAEALDKICEVDLVISLNIPFETLKDRLSRRWIHPPSGRVYNL
DFNPPHVHGIDDVTGEPLVQQEDDKPEAVAARLRQYKDVAKPVIELYKSRGVLHQFSGTETNKIWPYVYTLFSNKITPIQ
SKEAYL
;
_entity_poly.pdbx_strand_id   A,B
#
# COMPACT_ATOMS: atom_id res chain seq x y z
N LYS A 26 2.73 3.70 -12.29
CA LYS A 26 3.53 4.20 -13.46
C LYS A 26 4.69 3.25 -13.80
N LEU A 27 5.87 3.53 -13.24
CA LEU A 27 7.01 2.63 -13.37
C LEU A 27 6.77 1.47 -12.42
N LEU A 28 7.28 0.30 -12.79
CA LEU A 28 7.11 -0.88 -11.96
C LEU A 28 8.04 -0.82 -10.74
N ARG A 29 7.50 -1.21 -9.59
CA ARG A 29 8.34 -1.41 -8.42
C ARG A 29 8.11 -2.83 -7.89
N ALA A 30 8.99 -3.75 -8.27
CA ALA A 30 8.77 -5.14 -7.91
C ALA A 30 9.94 -5.69 -7.14
N VAL A 31 9.67 -6.71 -6.34
CA VAL A 31 10.63 -7.27 -5.40
C VAL A 31 10.53 -8.80 -5.47
N ILE A 32 11.67 -9.50 -5.57
CA ILE A 32 11.71 -10.96 -5.44
C ILE A 32 12.47 -11.35 -4.16
N LEU A 33 11.78 -12.04 -3.26
CA LEU A 33 12.35 -12.47 -1.98
C LEU A 33 12.40 -14.00 -1.85
N GLY A 34 13.35 -14.47 -1.04
CA GLY A 34 13.50 -15.90 -0.75
C GLY A 34 14.88 -16.15 -0.20
N PRO A 35 15.07 -17.31 0.46
CA PRO A 35 16.36 -17.61 1.07
C PRO A 35 17.42 -17.84 0.00
N PRO A 36 18.71 -17.81 0.39
CA PRO A 36 19.72 -18.07 -0.63
C PRO A 36 19.55 -19.47 -1.20
N GLY A 37 19.67 -19.56 -2.53
CA GLY A 37 19.46 -20.82 -3.23
C GLY A 37 18.07 -20.98 -3.82
N SER A 38 17.17 -20.04 -3.52
CA SER A 38 15.74 -20.24 -3.79
C SER A 38 15.36 -20.00 -5.25
N GLY A 39 16.27 -19.32 -5.98
CA GLY A 39 16.08 -19.11 -7.42
C GLY A 39 15.69 -17.71 -7.79
N LYS A 40 15.98 -16.75 -6.92
CA LYS A 40 15.68 -15.32 -7.16
C LYS A 40 16.44 -14.77 -8.36
N GLY A 41 17.74 -15.10 -8.44
CA GLY A 41 18.57 -14.72 -9.60
C GLY A 41 18.06 -15.34 -10.89
N THR A 42 17.69 -16.60 -10.84
CA THR A 42 17.14 -17.33 -11.99
C THR A 42 15.85 -16.72 -12.51
N VAL A 43 14.91 -16.41 -11.61
CA VAL A 43 13.67 -15.74 -11.99
C VAL A 43 13.93 -14.35 -12.57
N CYS A 44 14.86 -13.60 -11.98
CA CYS A 44 15.19 -12.27 -12.48
C CYS A 44 15.72 -12.33 -13.90
N GLN A 45 16.50 -13.36 -14.19
CA GLN A 45 17.08 -13.59 -15.52
C GLN A 45 15.99 -13.91 -16.55
N ARG A 46 15.00 -14.71 -16.17
CA ARG A 46 13.87 -14.96 -17.04
C ARG A 46 13.04 -13.70 -17.27
N ILE A 47 12.90 -12.89 -16.22
CA ILE A 47 12.20 -11.60 -16.35
C ILE A 47 12.93 -10.67 -17.31
N ALA A 48 14.26 -10.63 -17.25
CA ALA A 48 15.06 -9.87 -18.25
C ALA A 48 14.82 -10.32 -19.69
N GLN A 49 14.79 -11.63 -19.91
CA GLN A 49 14.62 -12.17 -21.25
C GLN A 49 13.22 -12.01 -21.84
N ASN A 50 12.23 -11.90 -20.97
CA ASN A 50 10.83 -11.78 -21.39
C ASN A 50 10.28 -10.35 -21.34
N PHE A 51 10.86 -9.51 -20.47
CA PHE A 51 10.36 -8.13 -20.27
C PHE A 51 11.42 -7.02 -20.52
N GLY A 52 12.71 -7.36 -20.54
CA GLY A 52 13.76 -6.34 -20.75
C GLY A 52 13.99 -5.51 -19.51
N LEU A 53 13.67 -6.11 -18.37
CA LEU A 53 13.76 -5.50 -17.06
C LEU A 53 15.02 -5.99 -16.34
N GLN A 54 15.96 -5.08 -16.09
CA GLN A 54 17.17 -5.36 -15.33
C GLN A 54 16.84 -5.57 -13.85
N HIS A 55 17.57 -6.46 -13.17
CA HIS A 55 17.40 -6.60 -11.74
C HIS A 55 18.54 -5.96 -10.97
N LEU A 56 18.22 -5.54 -9.76
CA LEU A 56 19.14 -4.83 -8.87
C LEU A 56 19.30 -5.67 -7.61
N SER A 57 20.53 -5.91 -7.17
CA SER A 57 20.73 -6.65 -5.92
C SER A 57 21.77 -5.98 -5.03
N SER A 58 21.62 -6.17 -3.73
CA SER A 58 22.54 -5.56 -2.79
CA SER A 58 22.54 -5.60 -2.76
C SER A 58 23.97 -6.12 -2.96
N GLY A 59 24.10 -7.42 -3.19
CA GLY A 59 25.44 -8.00 -3.42
C GLY A 59 26.14 -7.41 -4.63
N HIS A 60 25.38 -7.16 -5.69
CA HIS A 60 25.94 -6.60 -6.91
C HIS A 60 26.38 -5.16 -6.66
N PHE A 61 25.55 -4.37 -6.00
CA PHE A 61 25.92 -3.00 -5.66
C PHE A 61 27.06 -2.89 -4.63
N LEU A 62 27.11 -3.84 -3.71
CA LEU A 62 28.23 -3.99 -2.80
C LEU A 62 29.55 -4.22 -3.56
N ARG A 63 29.58 -5.21 -4.46
CA ARG A 63 30.72 -5.40 -5.39
C ARG A 63 31.14 -4.13 -6.13
N GLU A 64 30.17 -3.49 -6.78
CA GLU A 64 30.43 -2.27 -7.53
C GLU A 64 31.07 -1.18 -6.66
N ASN A 65 30.64 -1.06 -5.40
CA ASN A 65 31.17 -0.01 -4.54
C ASN A 65 32.59 -0.30 -4.04
N ILE A 66 32.87 -1.58 -3.81
CA ILE A 66 34.22 -2.04 -3.46
C ILE A 66 35.19 -1.84 -4.62
N LYS A 67 34.78 -2.20 -5.84
CA LYS A 67 35.61 -1.95 -7.04
C LYS A 67 35.91 -0.46 -7.27
N ALA A 68 34.93 0.41 -6.99
CA ALA A 68 35.11 1.85 -7.19
C ALA A 68 35.76 2.55 -5.98
N SER A 69 35.96 1.78 -4.89
CA SER A 69 36.56 2.30 -3.65
CA SER A 69 36.54 2.28 -3.64
C SER A 69 35.82 3.54 -3.12
N THR A 70 34.48 3.50 -3.13
CA THR A 70 33.64 4.59 -2.62
C THR A 70 33.64 4.60 -1.09
N GLU A 71 33.09 5.66 -0.48
CA GLU A 71 32.98 5.76 0.99
C GLU A 71 32.22 4.60 1.64
N VAL A 72 31.12 4.17 1.03
CA VAL A 72 30.39 3.01 1.51
C VAL A 72 31.15 1.71 1.22
N GLY A 73 31.90 1.68 0.12
CA GLY A 73 32.71 0.53 -0.25
C GLY A 73 33.81 0.33 0.77
N GLU A 74 34.36 1.45 1.24
CA GLU A 74 35.43 1.44 2.23
C GLU A 74 34.92 1.02 3.59
N MET A 75 33.68 1.42 3.91
CA MET A 75 32.99 0.97 5.13
C MET A 75 32.78 -0.53 5.13
N ALA A 76 32.32 -1.07 3.99
CA ALA A 76 32.04 -2.49 3.90
C ALA A 76 33.33 -3.30 4.05
N LYS A 77 34.43 -2.80 3.47
CA LYS A 77 35.72 -3.50 3.49
C LYS A 77 36.31 -3.58 4.89
N GLN A 78 36.00 -2.59 5.71
CA GLN A 78 36.41 -2.61 7.12
C GLN A 78 35.77 -3.76 7.88
N TYR A 79 34.54 -4.13 7.52
CA TYR A 79 33.88 -5.28 8.13
C TYR A 79 34.42 -6.59 7.60
N ILE A 80 34.52 -6.66 6.28
CA ILE A 80 35.05 -7.82 5.56
C ILE A 80 36.47 -8.20 5.99
N GLU A 81 37.36 -7.21 6.08
CA GLU A 81 38.70 -7.46 6.57
C GLU A 81 38.72 -8.11 7.96
N LYS A 82 37.72 -7.79 8.77
CA LYS A 82 37.63 -8.35 10.12
C LYS A 82 36.79 -9.64 10.16
N SER A 83 36.48 -10.18 8.99
CA SER A 83 35.57 -11.33 8.87
C SER A 83 34.24 -11.08 9.57
N LEU A 84 33.71 -9.87 9.40
CA LEU A 84 32.43 -9.48 9.96
C LEU A 84 31.39 -9.29 8.87
N LEU A 85 30.16 -9.72 9.17
CA LEU A 85 29.04 -9.45 8.29
C LEU A 85 28.92 -7.93 8.12
N VAL A 86 28.79 -7.47 6.88
CA VAL A 86 28.50 -6.08 6.59
C VAL A 86 27.08 -5.79 7.06
N PRO A 87 26.92 -4.86 8.03
CA PRO A 87 25.59 -4.68 8.64
C PRO A 87 24.51 -4.25 7.63
N ASP A 88 23.28 -4.57 7.98
CA ASP A 88 22.09 -4.19 7.21
C ASP A 88 22.04 -2.70 6.90
N HIS A 89 22.42 -1.85 7.86
CA HIS A 89 22.33 -0.40 7.69
C HIS A 89 23.32 0.13 6.63
N VAL A 90 24.45 -0.55 6.46
CA VAL A 90 25.41 -0.18 5.42
C VAL A 90 24.82 -0.56 4.06
N ILE A 91 24.17 -1.73 3.99
CA ILE A 91 23.46 -2.16 2.78
C ILE A 91 22.30 -1.23 2.46
N THR A 92 21.53 -0.83 3.47
CA THR A 92 20.42 0.10 3.24
C THR A 92 20.96 1.39 2.61
N ARG A 93 22.05 1.90 3.17
CA ARG A 93 22.72 3.10 2.67
C ARG A 93 23.08 3.02 1.18
N LEU A 94 23.81 1.98 0.79
CA LEU A 94 24.20 1.83 -0.61
C LEU A 94 23.03 1.52 -1.56
N MET A 95 22.01 0.82 -1.06
CA MET A 95 20.83 0.54 -1.88
C MET A 95 19.93 1.76 -2.11
N MET A 96 19.63 2.50 -1.06
CA MET A 96 18.82 3.70 -1.23
C MET A 96 19.51 4.71 -2.15
N SER A 97 20.83 4.84 -2.03
CA SER A 97 21.60 5.72 -2.90
C SER A 97 21.47 5.33 -4.37
N GLU A 98 21.50 4.03 -4.66
CA GLU A 98 21.32 3.55 -6.03
C GLU A 98 19.92 3.77 -6.56
N LEU A 99 18.92 3.46 -5.74
CA LEU A 99 17.53 3.61 -6.15
C LEU A 99 17.16 5.08 -6.35
N GLU A 100 17.68 5.94 -5.48
CA GLU A 100 17.39 7.37 -5.56
C GLU A 100 17.93 7.99 -6.86
N ASN A 101 18.90 7.30 -7.47
CA ASN A 101 19.49 7.68 -8.76
C ASN A 101 18.96 6.89 -9.97
N ARG A 102 17.85 6.19 -9.76
CA ARG A 102 17.21 5.37 -10.79
C ARG A 102 15.71 5.59 -10.76
N ARG A 103 15.30 6.81 -10.41
CA ARG A 103 13.89 7.11 -10.20
C ARG A 103 13.02 7.08 -11.47
N GLY A 104 13.65 7.24 -12.63
CA GLY A 104 12.97 7.10 -13.92
C GLY A 104 13.02 5.70 -14.52
N GLN A 105 13.47 4.72 -13.75
CA GLN A 105 13.54 3.33 -14.20
C GLN A 105 12.50 2.45 -13.49
N HIS A 106 12.07 1.37 -14.16
CA HIS A 106 11.31 0.29 -13.51
C HIS A 106 12.31 -0.37 -12.56
N TRP A 107 11.89 -0.75 -11.36
CA TRP A 107 12.79 -1.49 -10.45
C TRP A 107 12.36 -2.95 -10.31
N LEU A 108 13.34 -3.86 -10.40
CA LEU A 108 13.15 -5.23 -9.97
C LEU A 108 14.25 -5.56 -8.96
N LEU A 109 13.87 -5.59 -7.69
CA LEU A 109 14.83 -5.80 -6.59
C LEU A 109 14.91 -7.28 -6.21
N ASP A 110 16.11 -7.82 -6.26
CA ASP A 110 16.39 -9.20 -5.88
C ASP A 110 16.88 -9.23 -4.42
N GLY A 111 16.03 -9.71 -3.51
CA GLY A 111 16.37 -9.92 -2.11
C GLY A 111 16.41 -8.69 -1.22
N PHE A 112 15.95 -7.55 -1.74
CA PHE A 112 15.84 -6.33 -0.95
C PHE A 112 14.37 -5.91 -1.03
N PRO A 113 13.73 -5.59 0.14
CA PRO A 113 14.26 -5.47 1.51
C PRO A 113 14.51 -6.82 2.23
N ARG A 114 15.61 -6.92 2.97
CA ARG A 114 15.85 -8.11 3.82
C ARG A 114 15.14 -7.96 5.19
N THR A 115 15.04 -6.72 5.67
CA THR A 115 14.55 -6.47 7.03
C THR A 115 13.39 -5.47 7.01
N LEU A 116 12.63 -5.40 8.10
CA LEU A 116 11.52 -4.48 8.22
C LEU A 116 11.97 -3.04 8.01
N GLY A 117 13.10 -2.68 8.61
CA GLY A 117 13.67 -1.33 8.48
C GLY A 117 14.07 -0.94 7.07
N GLN A 118 14.48 -1.92 6.27
CA GLN A 118 14.75 -1.68 4.84
C GLN A 118 13.46 -1.54 4.05
N ALA A 119 12.42 -2.25 4.46
CA ALA A 119 11.12 -2.12 3.80
C ALA A 119 10.56 -0.72 4.04
N GLU A 120 10.81 -0.19 5.23
CA GLU A 120 10.36 1.14 5.59
C GLU A 120 11.19 2.23 4.92
N ALA A 121 12.49 2.00 4.79
CA ALA A 121 13.35 2.91 4.05
C ALA A 121 12.84 3.01 2.59
N LEU A 122 12.43 1.87 2.05
CA LEU A 122 11.97 1.75 0.67
C LEU A 122 10.69 2.57 0.45
N ASP A 123 9.76 2.50 1.40
CA ASP A 123 8.49 3.22 1.39
C ASP A 123 8.56 4.72 1.18
N LYS A 124 9.66 5.34 1.60
CA LYS A 124 9.86 6.79 1.46
C LYS A 124 10.01 7.26 0.01
N ILE A 125 10.44 6.37 -0.88
CA ILE A 125 10.79 6.79 -2.24
C ILE A 125 10.04 6.04 -3.33
N CYS A 126 9.18 5.10 -2.95
CA CYS A 126 8.31 4.43 -3.93
C CYS A 126 7.11 3.75 -3.29
N GLU A 127 6.18 3.31 -4.14
CA GLU A 127 5.12 2.42 -3.74
C GLU A 127 5.39 1.06 -4.37
N VAL A 128 5.61 0.05 -3.53
CA VAL A 128 5.93 -1.28 -4.04
C VAL A 128 4.66 -2.00 -4.56
N ASP A 129 4.66 -2.26 -5.88
CA ASP A 129 3.51 -2.82 -6.62
C ASP A 129 3.35 -4.33 -6.49
N LEU A 130 4.45 -5.06 -6.34
CA LEU A 130 4.46 -6.49 -6.56
C LEU A 130 5.57 -7.14 -5.76
N VAL A 131 5.25 -8.12 -4.93
CA VAL A 131 6.26 -8.80 -4.13
C VAL A 131 6.09 -10.30 -4.36
N ILE A 132 7.17 -10.93 -4.80
CA ILE A 132 7.17 -12.35 -5.07
C ILE A 132 8.02 -13.01 -4.02
N SER A 133 7.47 -14.04 -3.39
CA SER A 133 8.16 -14.74 -2.31
C SER A 133 8.35 -16.21 -2.71
N LEU A 134 9.58 -16.70 -2.61
CA LEU A 134 9.89 -18.07 -3.00
C LEU A 134 10.16 -18.94 -1.77
N ASN A 135 9.34 -19.97 -1.60
CA ASN A 135 9.45 -20.88 -0.47
C ASN A 135 9.90 -22.24 -0.97
N ILE A 136 11.18 -22.52 -0.81
CA ILE A 136 11.78 -23.72 -1.37
C ILE A 136 12.37 -24.53 -0.20
N PRO A 137 12.08 -25.85 -0.14
CA PRO A 137 12.57 -26.71 0.96
C PRO A 137 14.10 -26.73 1.08
N PHE A 138 14.60 -26.96 2.29
CA PHE A 138 16.04 -26.99 2.56
C PHE A 138 16.81 -27.97 1.68
N GLU A 139 16.25 -29.15 1.46
CA GLU A 139 16.94 -30.18 0.69
C GLU A 139 17.25 -29.75 -0.72
N THR A 140 16.31 -29.04 -1.34
CA THR A 140 16.46 -28.46 -2.66
C THR A 140 17.51 -27.35 -2.67
N LEU A 141 17.39 -26.41 -1.72
CA LEU A 141 18.41 -25.38 -1.56
C LEU A 141 19.81 -25.98 -1.51
N LYS A 142 20.01 -26.94 -0.60
CA LYS A 142 21.30 -27.62 -0.43
C LYS A 142 21.80 -28.29 -1.72
N ASP A 143 20.88 -28.94 -2.44
CA ASP A 143 21.23 -29.67 -3.66
C ASP A 143 21.50 -28.72 -4.83
N ARG A 144 20.73 -27.62 -4.91
CA ARG A 144 21.02 -26.61 -5.92
C ARG A 144 22.43 -26.04 -5.74
N LEU A 145 22.75 -25.62 -4.52
CA LEU A 145 23.99 -24.87 -4.29
C LEU A 145 25.22 -25.74 -4.31
N SER A 146 25.04 -27.02 -4.00
CA SER A 146 26.14 -27.99 -4.09
C SER A 146 26.59 -28.16 -5.54
N ARG A 147 25.72 -27.78 -6.47
CA ARG A 147 26.00 -27.92 -7.90
C ARG A 147 26.52 -26.63 -8.53
N ARG A 148 26.87 -25.65 -7.71
CA ARG A 148 27.35 -24.37 -8.23
C ARG A 148 28.85 -24.18 -7.98
N TRP A 149 29.57 -23.85 -9.04
CA TRP A 149 31.01 -23.59 -8.95
C TRP A 149 31.32 -22.26 -9.59
N ILE A 150 32.34 -21.57 -9.10
CA ILE A 150 32.74 -20.29 -9.69
C ILE A 150 34.23 -20.17 -10.01
N HIS A 151 34.54 -19.33 -10.98
CA HIS A 151 35.89 -18.85 -11.22
C HIS A 151 35.98 -17.51 -10.49
N PRO A 152 36.59 -17.49 -9.29
CA PRO A 152 36.58 -16.32 -8.39
C PRO A 152 37.08 -14.97 -8.97
N PRO A 153 38.18 -14.96 -9.76
CA PRO A 153 38.61 -13.66 -10.32
C PRO A 153 37.62 -13.07 -11.32
N SER A 154 37.08 -13.89 -12.22
CA SER A 154 36.17 -13.41 -13.25
C SER A 154 34.72 -13.35 -12.78
N GLY A 155 34.40 -14.14 -11.76
CA GLY A 155 33.03 -14.25 -11.27
C GLY A 155 32.13 -15.03 -12.21
N ARG A 156 32.72 -15.69 -13.20
CA ARG A 156 32.00 -16.63 -14.06
C ARG A 156 31.43 -17.74 -13.18
N VAL A 157 30.14 -18.03 -13.35
CA VAL A 157 29.44 -19.03 -12.56
C VAL A 157 29.05 -20.23 -13.43
N TYR A 158 29.26 -21.43 -12.89
CA TYR A 158 29.00 -22.66 -13.60
C TYR A 158 28.03 -23.45 -12.76
N ASN A 159 26.83 -23.60 -13.30
CA ASN A 159 25.78 -24.40 -12.70
C ASN A 159 25.93 -25.75 -13.41
N LEU A 160 26.31 -26.80 -12.67
CA LEU A 160 26.70 -28.06 -13.30
C LEU A 160 25.56 -28.81 -14.01
N ASP A 161 24.32 -28.48 -13.65
CA ASP A 161 23.14 -29.11 -14.27
C ASP A 161 22.68 -28.37 -15.54
N PHE A 162 23.25 -27.19 -15.79
CA PHE A 162 22.82 -26.35 -16.90
C PHE A 162 23.98 -25.90 -17.80
N ASN A 163 25.02 -25.33 -17.19
CA ASN A 163 26.17 -24.85 -17.94
C ASN A 163 27.49 -25.28 -17.29
N PRO A 164 27.80 -26.60 -17.32
CA PRO A 164 29.07 -27.05 -16.75
C PRO A 164 30.26 -26.55 -17.58
N PRO A 165 31.47 -26.49 -16.98
CA PRO A 165 32.65 -26.08 -17.75
C PRO A 165 32.98 -27.09 -18.85
N HIS A 166 33.49 -26.59 -19.98
CA HIS A 166 33.91 -27.45 -21.10
C HIS A 166 34.87 -28.55 -20.65
N VAL A 167 35.76 -28.22 -19.72
CA VAL A 167 36.66 -29.19 -19.10
C VAL A 167 36.38 -29.19 -17.59
N HIS A 168 36.17 -30.37 -17.03
CA HIS A 168 35.84 -30.56 -15.60
C HIS A 168 36.81 -29.84 -14.65
N GLY A 169 36.25 -29.10 -13.70
CA GLY A 169 37.01 -28.48 -12.61
C GLY A 169 37.69 -27.16 -12.93
N ILE A 170 37.66 -26.75 -14.20
CA ILE A 170 38.39 -25.55 -14.62
C ILE A 170 37.53 -24.54 -15.39
N ASP A 171 37.97 -23.28 -15.37
CA ASP A 171 37.31 -22.18 -16.05
C ASP A 171 37.51 -22.26 -17.57
N ASP A 172 36.45 -21.98 -18.32
CA ASP A 172 36.47 -22.09 -19.79
C ASP A 172 37.52 -21.22 -20.53
N VAL A 173 37.90 -20.09 -19.96
CA VAL A 173 38.88 -19.21 -20.63
C VAL A 173 40.32 -19.47 -20.15
N THR A 174 40.49 -19.44 -18.82
CA THR A 174 41.80 -19.49 -18.19
C THR A 174 42.28 -20.90 -17.87
N GLY A 175 41.34 -21.84 -17.70
CA GLY A 175 41.69 -23.17 -17.22
C GLY A 175 42.17 -23.19 -15.78
N GLU A 176 41.90 -22.12 -15.05
CA GLU A 176 42.18 -22.05 -13.62
C GLU A 176 41.06 -22.77 -12.85
N PRO A 177 41.42 -23.50 -11.77
CA PRO A 177 40.48 -24.31 -10.98
C PRO A 177 39.22 -23.56 -10.54
N LEU A 178 38.10 -24.28 -10.55
CA LEU A 178 36.84 -23.71 -10.08
C LEU A 178 36.71 -23.95 -8.59
N VAL A 179 35.97 -23.05 -7.94
CA VAL A 179 35.82 -23.03 -6.51
C VAL A 179 34.33 -23.12 -6.14
N GLN A 180 34.04 -23.73 -5.00
CA GLN A 180 32.71 -23.63 -4.42
C GLN A 180 32.70 -22.50 -3.38
N GLN A 181 31.78 -21.56 -3.56
CA GLN A 181 31.63 -20.43 -2.64
C GLN A 181 31.32 -20.96 -1.25
N GLU A 182 31.81 -20.28 -0.23
CA GLU A 182 31.59 -20.72 1.15
C GLU A 182 30.11 -20.90 1.45
N ASP A 183 29.31 -19.94 1.01
CA ASP A 183 27.88 -19.94 1.31
C ASP A 183 27.09 -21.03 0.57
N ASP A 184 27.78 -21.75 -0.32
CA ASP A 184 27.18 -22.78 -1.14
C ASP A 184 27.33 -24.17 -0.55
N LYS A 185 28.09 -24.27 0.54
CA LYS A 185 28.35 -25.52 1.24
C LYS A 185 27.20 -25.80 2.23
N PRO A 186 26.89 -27.10 2.47
CA PRO A 186 25.68 -27.52 3.21
C PRO A 186 25.43 -26.86 4.57
N GLU A 187 26.43 -26.82 5.46
CA GLU A 187 26.28 -26.18 6.77
C GLU A 187 25.97 -24.68 6.67
N ALA A 188 26.65 -24.01 5.73
CA ALA A 188 26.42 -22.59 5.46
C ALA A 188 25.03 -22.35 4.88
N VAL A 189 24.58 -23.28 4.05
CA VAL A 189 23.24 -23.23 3.47
C VAL A 189 22.16 -23.29 4.56
N ALA A 190 22.31 -24.25 5.48
CA ALA A 190 21.38 -24.41 6.60
C ALA A 190 21.38 -23.17 7.51
N ALA A 191 22.57 -22.68 7.87
CA ALA A 191 22.73 -21.46 8.69
C ALA A 191 22.05 -20.24 8.06
N ARG A 192 22.24 -20.07 6.76
CA ARG A 192 21.67 -18.96 5.99
C ARG A 192 20.16 -19.08 5.82
N LEU A 193 19.66 -20.31 5.74
CA LEU A 193 18.20 -20.52 5.68
C LEU A 193 17.54 -20.07 6.98
N ARG A 194 18.11 -20.50 8.10
CA ARG A 194 17.64 -20.12 9.44
C ARG A 194 17.76 -18.61 9.68
N GLN A 195 18.87 -18.03 9.23
CA GLN A 195 19.02 -16.57 9.28
C GLN A 195 17.90 -15.86 8.52
N TYR A 196 17.57 -16.38 7.33
CA TYR A 196 16.46 -15.89 6.51
C TYR A 196 15.10 -16.05 7.21
N LYS A 197 14.81 -17.24 7.70
CA LYS A 197 13.51 -17.50 8.34
C LYS A 197 13.21 -16.50 9.46
N ASP A 198 14.20 -16.29 10.34
CA ASP A 198 14.12 -15.35 11.47
C ASP A 198 13.89 -13.89 11.07
N VAL A 199 14.45 -13.46 9.95
CA VAL A 199 14.30 -12.07 9.53
C VAL A 199 13.08 -11.84 8.62
N ALA A 200 12.74 -12.86 7.83
CA ALA A 200 11.77 -12.72 6.74
C ALA A 200 10.34 -12.42 7.17
N LYS A 201 9.94 -12.95 8.32
CA LYS A 201 8.53 -12.95 8.76
C LYS A 201 7.83 -11.58 8.86
N PRO A 202 8.45 -10.59 9.53
CA PRO A 202 7.87 -9.25 9.51
C PRO A 202 7.75 -8.61 8.11
N VAL A 203 8.75 -8.80 7.25
CA VAL A 203 8.67 -8.33 5.85
C VAL A 203 7.52 -9.01 5.07
N ILE A 204 7.36 -10.33 5.20
CA ILE A 204 6.27 -11.00 4.48
C ILE A 204 4.90 -10.56 5.02
N GLU A 205 4.80 -10.43 6.35
CA GLU A 205 3.60 -9.90 6.98
C GLU A 205 3.25 -8.50 6.49
N LEU A 206 4.23 -7.61 6.41
CA LEU A 206 4.01 -6.23 5.96
C LEU A 206 3.39 -6.19 4.57
N TYR A 207 4.00 -6.89 3.62
CA TYR A 207 3.51 -6.89 2.25
C TYR A 207 2.21 -7.68 2.07
N LYS A 208 2.04 -8.71 2.88
CA LYS A 208 0.78 -9.46 2.92
C LYS A 208 -0.42 -8.57 3.31
N SER A 209 -0.27 -7.72 4.34
CA SER A 209 -1.36 -6.82 4.72
C SER A 209 -1.66 -5.74 3.66
N ARG A 210 -0.70 -5.46 2.78
CA ARG A 210 -0.92 -4.46 1.72
C ARG A 210 -1.50 -5.07 0.46
N GLY A 211 -1.64 -6.40 0.46
CA GLY A 211 -2.21 -7.13 -0.68
C GLY A 211 -1.33 -7.16 -1.91
N VAL A 212 -0.02 -7.09 -1.74
CA VAL A 212 0.90 -7.09 -2.89
C VAL A 212 1.81 -8.34 -2.94
N LEU A 213 1.61 -9.24 -2.00
CA LEU A 213 2.49 -10.39 -1.86
C LEU A 213 1.91 -11.61 -2.57
N HIS A 214 2.78 -12.29 -3.30
CA HIS A 214 2.40 -13.50 -4.01
C HIS A 214 3.43 -14.54 -3.64
N GLN A 215 2.99 -15.63 -3.03
CA GLN A 215 3.88 -16.65 -2.49
C GLN A 215 3.86 -17.94 -3.29
N PHE A 216 5.05 -18.44 -3.58
CA PHE A 216 5.21 -19.64 -4.40
C PHE A 216 6.11 -20.64 -3.71
N SER A 217 5.70 -21.90 -3.73
CA SER A 217 6.45 -22.98 -3.12
C SER A 217 6.72 -24.03 -4.18
N GLY A 218 7.69 -24.88 -3.93
CA GLY A 218 8.00 -25.95 -4.87
C GLY A 218 9.49 -26.21 -4.91
N THR A 219 9.88 -27.12 -5.79
CA THR A 219 11.27 -27.50 -5.95
C THR A 219 11.82 -27.08 -7.33
N GLU A 220 10.93 -26.65 -8.23
CA GLU A 220 11.32 -26.36 -9.61
C GLU A 220 10.98 -24.94 -10.01
N THR A 221 11.99 -24.17 -10.41
CA THR A 221 11.78 -22.81 -10.89
C THR A 221 10.86 -22.82 -12.13
N ASN A 222 11.08 -23.80 -13.01
CA ASN A 222 10.28 -24.04 -14.22
C ASN A 222 8.79 -24.13 -14.01
N LYS A 223 8.41 -24.68 -12.87
CA LYS A 223 7.01 -24.86 -12.50
C LYS A 223 6.44 -23.60 -11.86
N ILE A 224 7.28 -22.81 -11.21
CA ILE A 224 6.86 -21.53 -10.62
C ILE A 224 6.80 -20.38 -11.66
N TRP A 225 7.74 -20.40 -12.60
CA TRP A 225 7.82 -19.39 -13.66
C TRP A 225 6.49 -18.93 -14.35
N PRO A 226 5.66 -19.87 -14.85
CA PRO A 226 4.39 -19.46 -15.50
C PRO A 226 3.51 -18.49 -14.69
N TYR A 227 3.44 -18.69 -13.38
CA TYR A 227 2.68 -17.84 -12.46
C TYR A 227 3.31 -16.46 -12.31
N VAL A 228 4.65 -16.45 -12.26
CA VAL A 228 5.37 -15.20 -12.11
C VAL A 228 5.23 -14.42 -13.42
N TYR A 229 5.40 -15.10 -14.55
CA TYR A 229 5.22 -14.47 -15.87
C TYR A 229 3.91 -13.68 -15.97
N THR A 230 2.82 -14.34 -15.60
CA THR A 230 1.48 -13.79 -15.62
C THR A 230 1.37 -12.51 -14.79
N LEU A 231 1.98 -12.50 -13.60
CA LEU A 231 1.98 -11.34 -12.71
C LEU A 231 2.71 -10.16 -13.33
N PHE A 232 3.84 -10.42 -13.98
CA PHE A 232 4.58 -9.32 -14.61
C PHE A 232 3.87 -8.79 -15.87
N SER A 233 3.28 -9.68 -16.66
CA SER A 233 2.59 -9.26 -17.89
C SER A 233 1.35 -8.40 -17.63
N ASN A 234 0.79 -8.49 -16.42
CA ASN A 234 -0.26 -7.59 -15.97
C ASN A 234 0.23 -6.15 -15.81
N LYS A 235 1.53 -5.98 -15.62
CA LYS A 235 2.10 -4.71 -15.20
C LYS A 235 2.94 -4.07 -16.30
N ILE A 236 3.61 -4.92 -17.08
CA ILE A 236 4.47 -4.47 -18.17
C ILE A 236 4.39 -5.43 -19.35
N THR A 237 4.58 -4.87 -20.54
CA THR A 237 4.43 -5.56 -21.80
C THR A 237 5.54 -6.59 -22.05
N PRO A 238 5.17 -7.84 -22.30
CA PRO A 238 6.13 -8.84 -22.73
C PRO A 238 6.73 -8.44 -24.07
N ILE A 239 7.99 -8.77 -24.26
CA ILE A 239 8.66 -8.54 -25.51
C ILE A 239 8.23 -9.61 -26.50
N GLN A 240 7.98 -9.20 -27.76
CA GLN A 240 7.81 -10.12 -28.87
C GLN A 240 8.72 -9.67 -29.98
N SER A 241 9.05 -10.59 -30.90
CA SER A 241 9.98 -10.31 -31.97
C SER A 241 9.35 -9.47 -33.08
N LYS A 242 10.21 -8.87 -33.90
CA LYS A 242 9.79 -8.04 -35.02
C LYS A 242 8.83 -8.79 -35.95
N GLU A 243 9.20 -10.02 -36.33
CA GLU A 243 8.41 -10.79 -37.32
C GLU A 243 7.30 -11.66 -36.72
N ALA A 244 7.10 -11.53 -35.42
CA ALA A 244 5.93 -12.06 -34.75
C ALA A 244 4.78 -11.04 -34.90
N TYR A 245 5.11 -9.90 -35.50
CA TYR A 245 4.15 -8.86 -35.93
C TYR A 245 3.46 -8.13 -34.78
N LYS B 26 -18.72 -11.81 12.89
CA LYS B 26 -18.95 -10.99 11.65
C LYS B 26 -18.98 -9.50 11.98
N LEU B 27 -18.01 -8.78 11.43
CA LEU B 27 -17.82 -7.36 11.70
C LEU B 27 -18.56 -6.56 10.65
N LEU B 28 -19.08 -5.42 11.05
CA LEU B 28 -19.81 -4.55 10.14
C LEU B 28 -18.88 -3.93 9.10
N ARG B 29 -19.35 -3.87 7.86
CA ARG B 29 -18.68 -3.15 6.79
C ARG B 29 -19.71 -2.24 6.13
N ALA B 30 -19.84 -1.04 6.69
CA ALA B 30 -20.87 -0.09 6.30
C ALA B 30 -20.25 1.17 5.74
N VAL B 31 -20.96 1.83 4.85
CA VAL B 31 -20.48 3.04 4.20
C VAL B 31 -21.68 3.96 4.11
N ILE B 32 -21.50 5.24 4.43
CA ILE B 32 -22.55 6.27 4.25
C ILE B 32 -22.05 7.21 3.18
N LEU B 33 -22.84 7.36 2.11
CA LEU B 33 -22.48 8.25 1.00
C LEU B 33 -23.55 9.31 0.80
N GLY B 34 -23.19 10.42 0.17
CA GLY B 34 -24.12 11.53 -0.03
C GLY B 34 -23.42 12.78 -0.51
N PRO B 35 -24.15 13.65 -1.21
CA PRO B 35 -23.58 14.91 -1.72
C PRO B 35 -23.09 15.82 -0.57
N PRO B 36 -22.27 16.83 -0.90
CA PRO B 36 -21.97 17.87 0.10
C PRO B 36 -23.23 18.39 0.82
N GLY B 37 -23.20 18.43 2.16
CA GLY B 37 -24.32 18.97 2.93
C GLY B 37 -25.49 18.05 3.21
N SER B 38 -25.41 16.78 2.77
CA SER B 38 -26.55 15.87 2.88
C SER B 38 -26.78 15.31 4.28
N GLY B 39 -25.81 15.51 5.18
CA GLY B 39 -25.97 15.09 6.57
C GLY B 39 -25.28 13.80 6.98
N LYS B 40 -24.29 13.35 6.21
CA LYS B 40 -23.48 12.18 6.52
C LYS B 40 -22.87 12.32 7.90
N GLY B 41 -22.29 13.49 8.19
CA GLY B 41 -21.61 13.71 9.46
C GLY B 41 -22.58 13.58 10.61
N THR B 42 -23.72 14.28 10.49
CA THR B 42 -24.81 14.23 11.46
C THR B 42 -25.29 12.79 11.73
N VAL B 43 -25.59 12.05 10.66
CA VAL B 43 -26.04 10.66 10.73
C VAL B 43 -24.97 9.81 11.44
N CYS B 44 -23.71 9.98 11.05
CA CYS B 44 -22.59 9.32 11.74
C CYS B 44 -22.46 9.62 13.25
N GLN B 45 -22.68 10.87 13.67
CA GLN B 45 -22.67 11.20 15.12
C GLN B 45 -23.77 10.44 15.84
N ARG B 46 -24.95 10.40 15.22
CA ARG B 46 -26.08 9.67 15.77
C ARG B 46 -25.87 8.17 15.87
N ILE B 47 -25.21 7.58 14.87
CA ILE B 47 -24.87 6.15 14.93
C ILE B 47 -23.94 5.87 16.10
N ALA B 48 -23.01 6.79 16.37
CA ALA B 48 -22.11 6.66 17.52
C ALA B 48 -22.87 6.74 18.86
N GLN B 49 -23.76 7.73 18.99
CA GLN B 49 -24.58 7.88 20.19
C GLN B 49 -25.43 6.62 20.45
N ASN B 50 -26.00 6.04 19.40
CA ASN B 50 -26.93 4.95 19.58
C ASN B 50 -26.30 3.55 19.53
N PHE B 51 -25.15 3.42 18.86
CA PHE B 51 -24.56 2.10 18.61
C PHE B 51 -23.12 1.97 19.09
N GLY B 52 -22.47 3.10 19.39
CA GLY B 52 -21.09 3.09 19.87
C GLY B 52 -20.12 2.68 18.77
N LEU B 53 -20.52 2.99 17.54
CA LEU B 53 -19.76 2.67 16.36
C LEU B 53 -19.01 3.92 15.91
N GLN B 54 -17.68 3.85 15.92
CA GLN B 54 -16.84 4.95 15.42
C GLN B 54 -16.91 5.02 13.90
N HIS B 55 -16.85 6.23 13.35
CA HIS B 55 -16.81 6.39 11.88
C HIS B 55 -15.45 6.84 11.40
N LEU B 56 -15.10 6.39 10.20
CA LEU B 56 -13.80 6.71 9.58
C LEU B 56 -14.05 7.56 8.34
N SER B 57 -13.20 8.54 8.09
CA SER B 57 -13.33 9.35 6.88
C SER B 57 -11.96 9.67 6.38
N SER B 58 -11.82 9.85 5.07
CA SER B 58 -10.52 10.16 4.47
C SER B 58 -10.03 11.57 4.86
N GLY B 59 -10.96 12.52 4.95
CA GLY B 59 -10.66 13.86 5.45
C GLY B 59 -10.05 13.91 6.85
N HIS B 60 -10.62 13.14 7.78
CA HIS B 60 -10.05 13.01 9.12
C HIS B 60 -8.64 12.38 9.13
N PHE B 61 -8.45 11.28 8.38
CA PHE B 61 -7.12 10.66 8.28
C PHE B 61 -6.11 11.61 7.63
N LEU B 62 -6.56 12.37 6.65
CA LEU B 62 -5.67 13.30 5.97
C LEU B 62 -5.30 14.45 6.89
N ARG B 63 -6.31 14.98 7.58
CA ARG B 63 -6.12 16.02 8.58
C ARG B 63 -5.09 15.63 9.65
N GLU B 64 -5.21 14.44 10.22
CA GLU B 64 -4.24 13.92 11.21
C GLU B 64 -2.83 13.82 10.65
N ASN B 65 -2.70 13.37 9.40
CA ASN B 65 -1.39 13.23 8.73
C ASN B 65 -0.71 14.58 8.41
N ILE B 66 -1.49 15.55 7.90
CA ILE B 66 -1.02 16.93 7.70
C ILE B 66 -0.54 17.54 9.02
N LYS B 67 -1.35 17.35 10.06
CA LYS B 67 -0.98 17.83 11.41
C LYS B 67 0.27 17.19 12.02
N ALA B 68 0.45 15.87 11.85
CA ALA B 68 1.68 15.20 12.31
C ALA B 68 2.91 15.44 11.42
N SER B 69 2.67 16.01 10.24
CA SER B 69 3.71 16.21 9.23
C SER B 69 4.35 14.85 8.89
N THR B 70 3.50 13.87 8.59
CA THR B 70 3.97 12.58 8.08
C THR B 70 4.32 12.79 6.60
N GLU B 71 5.02 11.84 5.99
CA GLU B 71 5.37 11.97 4.57
C GLU B 71 4.15 12.14 3.67
N VAL B 72 3.10 11.35 3.90
CA VAL B 72 1.84 11.54 3.19
C VAL B 72 1.19 12.91 3.47
N GLY B 73 1.25 13.35 4.73
CA GLY B 73 0.78 14.70 5.09
C GLY B 73 1.50 15.75 4.28
N GLU B 74 2.84 15.63 4.23
CA GLU B 74 3.68 16.48 3.40
C GLU B 74 3.34 16.44 1.90
N MET B 75 3.10 15.26 1.34
CA MET B 75 2.67 15.15 -0.06
C MET B 75 1.34 15.89 -0.26
N ALA B 76 0.41 15.73 0.68
CA ALA B 76 -0.85 16.45 0.63
C ALA B 76 -0.63 17.97 0.70
N LYS B 77 0.21 18.40 1.64
CA LYS B 77 0.53 19.84 1.81
C LYS B 77 1.09 20.50 0.54
N GLN B 78 1.84 19.74 -0.27
CA GLN B 78 2.45 20.28 -1.49
C GLN B 78 1.40 20.64 -2.55
N TYR B 79 0.39 19.79 -2.72
CA TYR B 79 -0.79 20.09 -3.56
C TYR B 79 -1.56 21.31 -3.05
N ILE B 80 -1.89 21.31 -1.76
CA ILE B 80 -2.62 22.41 -1.11
C ILE B 80 -1.94 23.77 -1.27
N GLU B 81 -0.63 23.83 -1.05
CA GLU B 81 0.13 25.06 -1.18
C GLU B 81 0.14 25.56 -2.63
N LYS B 82 0.08 24.63 -3.57
CA LYS B 82 -0.06 24.96 -5.00
C LYS B 82 -1.51 25.21 -5.44
N SER B 83 -2.44 25.22 -4.49
CA SER B 83 -3.87 25.42 -4.76
C SER B 83 -4.48 24.31 -5.64
N LEU B 84 -3.98 23.10 -5.42
CA LEU B 84 -4.46 21.93 -6.14
C LEU B 84 -5.25 21.01 -5.21
N LEU B 85 -6.20 20.28 -5.77
CA LEU B 85 -6.81 19.16 -5.09
C LEU B 85 -5.76 18.10 -4.84
N VAL B 86 -5.82 17.48 -3.67
CA VAL B 86 -5.01 16.28 -3.40
C VAL B 86 -5.58 15.18 -4.30
N PRO B 87 -4.73 14.52 -5.11
CA PRO B 87 -5.25 13.47 -6.02
C PRO B 87 -5.89 12.30 -5.29
N ASP B 88 -6.93 11.73 -5.92
CA ASP B 88 -7.65 10.58 -5.37
C ASP B 88 -6.71 9.43 -5.02
N HIS B 89 -5.62 9.25 -5.77
CA HIS B 89 -4.67 8.16 -5.56
CA HIS B 89 -4.72 8.14 -5.53
C HIS B 89 -3.97 8.24 -4.21
N VAL B 90 -3.67 9.47 -3.78
CA VAL B 90 -3.02 9.73 -2.49
C VAL B 90 -3.97 9.34 -1.35
N ILE B 91 -5.20 9.79 -1.46
CA ILE B 91 -6.26 9.46 -0.52
C ILE B 91 -6.59 7.97 -0.49
N THR B 92 -6.63 7.34 -1.65
CA THR B 92 -6.90 5.91 -1.71
C THR B 92 -5.83 5.17 -0.93
N ARG B 93 -4.57 5.52 -1.17
CA ARG B 93 -3.42 4.88 -0.53
C ARG B 93 -3.45 5.02 0.99
N LEU B 94 -3.72 6.24 1.46
CA LEU B 94 -3.88 6.50 2.89
C LEU B 94 -5.05 5.72 3.49
N MET B 95 -6.22 5.76 2.86
CA MET B 95 -7.39 5.06 3.39
C MET B 95 -7.16 3.55 3.45
N MET B 96 -6.59 3.00 2.39
CA MET B 96 -6.33 1.57 2.35
C MET B 96 -5.40 1.15 3.47
N SER B 97 -4.36 1.95 3.72
CA SER B 97 -3.43 1.65 4.80
C SER B 97 -4.09 1.77 6.18
N GLU B 98 -4.98 2.75 6.34
CA GLU B 98 -5.68 2.89 7.63
C GLU B 98 -6.64 1.72 7.89
N LEU B 99 -7.38 1.29 6.87
CA LEU B 99 -8.30 0.18 7.03
C LEU B 99 -7.58 -1.14 7.17
N GLU B 100 -6.42 -1.26 6.53
CA GLU B 100 -5.61 -2.49 6.66
C GLU B 100 -5.01 -2.62 8.07
N ASN B 101 -5.07 -1.52 8.83
CA ASN B 101 -4.62 -1.49 10.23
C ASN B 101 -5.79 -1.80 11.19
N ARG B 102 -6.99 -1.94 10.64
CA ARG B 102 -8.21 -2.03 11.44
C ARG B 102 -9.11 -3.18 10.99
N ARG B 103 -8.50 -4.29 10.55
CA ARG B 103 -9.24 -5.39 10.00
C ARG B 103 -10.17 -6.02 11.06
N GLY B 104 -9.76 -6.02 12.33
CA GLY B 104 -10.57 -6.58 13.41
C GLY B 104 -11.64 -5.68 14.03
N GLN B 105 -11.92 -4.53 13.38
CA GLN B 105 -12.90 -3.56 13.88
C GLN B 105 -14.15 -3.48 12.98
N HIS B 106 -15.29 -3.06 13.54
CA HIS B 106 -16.46 -2.70 12.73
C HIS B 106 -16.10 -1.42 12.02
N TRP B 107 -16.37 -1.34 10.72
CA TRP B 107 -16.12 -0.09 9.95
C TRP B 107 -17.42 0.64 9.60
N LEU B 108 -17.43 1.95 9.78
CA LEU B 108 -18.45 2.81 9.22
C LEU B 108 -17.70 3.93 8.53
N LEU B 109 -17.71 3.90 7.19
CA LEU B 109 -16.92 4.84 6.40
C LEU B 109 -17.82 5.95 5.93
N ASP B 110 -17.38 7.18 6.15
CA ASP B 110 -18.13 8.37 5.80
C ASP B 110 -17.56 9.01 4.53
N GLY B 111 -18.32 8.91 3.43
CA GLY B 111 -17.89 9.52 2.16
C GLY B 111 -16.75 8.80 1.46
N PHE B 112 -16.48 7.56 1.86
CA PHE B 112 -15.53 6.73 1.16
C PHE B 112 -16.17 5.37 0.89
N PRO B 113 -16.09 4.87 -0.36
CA PRO B 113 -15.40 5.39 -1.54
C PRO B 113 -16.10 6.58 -2.20
N ARG B 114 -15.32 7.45 -2.83
CA ARG B 114 -15.88 8.59 -3.56
C ARG B 114 -15.93 8.25 -5.06
N THR B 115 -14.99 7.43 -5.51
CA THR B 115 -14.88 7.07 -6.91
C THR B 115 -15.02 5.56 -7.12
N LEU B 116 -15.34 5.16 -8.36
CA LEU B 116 -15.32 3.75 -8.77
C LEU B 116 -13.99 3.09 -8.46
N GLY B 117 -12.89 3.78 -8.77
CA GLY B 117 -11.56 3.28 -8.46
C GLY B 117 -11.39 3.01 -6.99
N GLN B 118 -11.95 3.87 -6.14
CA GLN B 118 -11.87 3.64 -4.70
C GLN B 118 -12.73 2.49 -4.22
N ALA B 119 -13.89 2.32 -4.85
CA ALA B 119 -14.78 1.20 -4.50
C ALA B 119 -14.16 -0.12 -4.93
N GLU B 120 -13.40 -0.11 -6.02
CA GLU B 120 -12.73 -1.32 -6.46
C GLU B 120 -11.54 -1.70 -5.55
N ALA B 121 -10.82 -0.71 -5.05
CA ALA B 121 -9.75 -0.93 -4.06
C ALA B 121 -10.31 -1.49 -2.74
N LEU B 122 -11.38 -0.87 -2.26
CA LEU B 122 -12.09 -1.31 -1.07
C LEU B 122 -12.57 -2.76 -1.19
N ASP B 123 -13.11 -3.15 -2.36
CA ASP B 123 -13.51 -4.53 -2.65
C ASP B 123 -12.43 -5.57 -2.34
N LYS B 124 -11.18 -5.22 -2.63
CA LYS B 124 -10.02 -6.10 -2.44
C LYS B 124 -9.72 -6.45 -0.97
N ILE B 125 -10.24 -5.66 -0.03
CA ILE B 125 -9.97 -5.91 1.38
C ILE B 125 -11.17 -6.27 2.26
N CYS B 126 -12.39 -6.04 1.77
CA CYS B 126 -13.60 -6.45 2.49
C CYS B 126 -14.78 -6.60 1.53
N GLU B 127 -15.85 -7.20 2.03
CA GLU B 127 -17.12 -7.22 1.35
C GLU B 127 -17.98 -6.17 2.05
N VAL B 128 -18.32 -5.10 1.32
CA VAL B 128 -19.16 -4.06 1.86
C VAL B 128 -20.59 -4.60 1.95
N ASP B 129 -21.09 -4.73 3.17
CA ASP B 129 -22.37 -5.36 3.39
C ASP B 129 -23.53 -4.36 3.43
N LEU B 130 -23.20 -3.08 3.54
CA LEU B 130 -24.24 -2.09 3.79
C LEU B 130 -23.85 -0.70 3.30
N VAL B 131 -24.61 -0.17 2.35
CA VAL B 131 -24.32 1.15 1.81
C VAL B 131 -25.53 2.02 1.96
N ILE B 132 -25.34 3.15 2.64
CA ILE B 132 -26.40 4.12 2.83
C ILE B 132 -26.13 5.32 1.91
N SER B 133 -27.13 5.67 1.11
CA SER B 133 -27.06 6.83 0.25
C SER B 133 -28.11 7.81 0.75
N LEU B 134 -27.67 9.03 1.05
CA LEU B 134 -28.57 10.12 1.39
C LEU B 134 -28.88 10.93 0.15
N ASN B 135 -30.11 10.77 -0.35
CA ASN B 135 -30.59 11.47 -1.53
C ASN B 135 -31.44 12.70 -1.18
N ILE B 136 -30.78 13.84 -1.04
CA ILE B 136 -31.43 15.10 -0.66
C ILE B 136 -31.40 16.03 -1.88
N PRO B 137 -32.50 16.77 -2.15
CA PRO B 137 -32.57 17.69 -3.30
C PRO B 137 -31.50 18.75 -3.27
N PHE B 138 -30.93 19.06 -4.43
CA PHE B 138 -29.79 19.99 -4.49
C PHE B 138 -30.11 21.39 -3.93
N GLU B 139 -31.35 21.84 -4.09
CA GLU B 139 -31.74 23.15 -3.57
C GLU B 139 -31.79 23.18 -2.04
N THR B 140 -32.10 22.03 -1.43
CA THR B 140 -32.03 21.90 0.03
C THR B 140 -30.58 21.97 0.51
N LEU B 141 -29.70 21.28 -0.19
CA LEU B 141 -28.25 21.28 0.08
C LEU B 141 -27.61 22.68 0.02
N LYS B 142 -27.95 23.46 -1.00
CA LYS B 142 -27.40 24.80 -1.15
C LYS B 142 -27.82 25.68 0.01
N ASP B 143 -29.11 25.63 0.31
CA ASP B 143 -29.68 26.32 1.45
C ASP B 143 -28.99 25.91 2.77
N ARG B 144 -28.82 24.61 3.00
CA ARG B 144 -28.14 24.16 4.22
C ARG B 144 -26.74 24.72 4.31
N LEU B 145 -25.97 24.54 3.22
CA LEU B 145 -24.58 24.96 3.21
C LEU B 145 -24.41 26.47 3.36
N SER B 146 -25.35 27.24 2.81
CA SER B 146 -25.31 28.71 2.94
C SER B 146 -25.50 29.19 4.39
N ARG B 147 -26.01 28.31 5.24
CA ARG B 147 -26.33 28.66 6.62
C ARG B 147 -25.46 27.90 7.63
N ARG B 148 -24.37 27.32 7.12
CA ARG B 148 -23.46 26.50 7.92
C ARG B 148 -22.33 27.34 8.54
N TRP B 149 -22.06 27.09 9.82
CA TRP B 149 -20.97 27.75 10.53
C TRP B 149 -20.13 26.68 11.20
N ILE B 150 -18.82 26.90 11.27
CA ILE B 150 -17.96 25.96 11.99
C ILE B 150 -17.03 26.65 12.98
N HIS B 151 -16.63 25.90 14.00
CA HIS B 151 -15.55 26.28 14.88
C HIS B 151 -14.29 25.61 14.33
N PRO B 152 -13.43 26.39 13.63
CA PRO B 152 -12.27 25.80 12.94
C PRO B 152 -11.33 24.92 13.79
N PRO B 153 -10.97 25.37 15.02
CA PRO B 153 -10.07 24.52 15.82
C PRO B 153 -10.60 23.15 16.21
N SER B 154 -11.91 23.01 16.36
CA SER B 154 -12.50 21.72 16.77
C SER B 154 -13.24 20.99 15.65
N GLY B 155 -13.64 21.72 14.62
CA GLY B 155 -14.49 21.16 13.56
C GLY B 155 -15.95 20.99 13.94
N ARG B 156 -16.37 21.50 15.11
CA ARG B 156 -17.79 21.52 15.48
C ARG B 156 -18.58 22.31 14.43
N VAL B 157 -19.68 21.73 13.94
CA VAL B 157 -20.46 22.30 12.83
C VAL B 157 -21.84 22.68 13.33
N TYR B 158 -22.30 23.85 12.91
CA TYR B 158 -23.61 24.34 13.27
C TYR B 158 -24.43 24.70 12.05
N ASN B 159 -25.73 24.81 12.24
CA ASN B 159 -26.59 25.40 11.22
C ASN B 159 -27.53 26.46 11.83
N LEU B 160 -28.34 27.13 11.02
CA LEU B 160 -29.28 28.15 11.53
C LEU B 160 -30.57 27.50 12.03
N ASP B 161 -31.10 26.56 11.26
CA ASP B 161 -32.40 25.96 11.54
C ASP B 161 -32.29 24.70 12.39
N PHE B 162 -31.18 23.99 12.25
CA PHE B 162 -31.09 22.60 12.67
C PHE B 162 -30.34 22.39 13.98
N ASN B 163 -29.06 22.76 14.00
CA ASN B 163 -28.28 22.69 15.23
C ASN B 163 -27.69 24.08 15.48
N PRO B 164 -28.54 25.03 15.93
CA PRO B 164 -28.11 26.42 16.09
C PRO B 164 -27.12 26.52 17.26
N PRO B 165 -26.16 27.47 17.18
CA PRO B 165 -25.37 27.67 18.39
C PRO B 165 -26.25 28.32 19.46
N HIS B 166 -25.89 28.14 20.72
CA HIS B 166 -26.63 28.78 21.81
C HIS B 166 -26.63 30.31 21.64
N VAL B 167 -25.48 30.86 21.22
CA VAL B 167 -25.37 32.28 20.86
C VAL B 167 -24.89 32.41 19.40
N HIS B 168 -25.54 33.26 18.62
CA HIS B 168 -25.20 33.42 17.20
C HIS B 168 -23.72 33.71 16.99
N GLY B 169 -23.08 32.94 16.12
CA GLY B 169 -21.70 33.18 15.74
C GLY B 169 -20.66 32.77 16.77
N ILE B 170 -21.11 32.07 17.81
CA ILE B 170 -20.23 31.65 18.91
C ILE B 170 -20.29 30.14 19.14
N ASP B 171 -19.11 29.53 19.25
CA ASP B 171 -18.97 28.14 19.66
C ASP B 171 -19.48 27.92 21.08
N ASP B 172 -20.42 26.98 21.24
CA ASP B 172 -21.02 26.62 22.53
C ASP B 172 -20.00 26.15 23.57
N VAL B 173 -18.96 25.46 23.11
CA VAL B 173 -17.97 24.86 24.02
C VAL B 173 -16.95 25.90 24.50
N THR B 174 -16.35 26.62 23.56
CA THR B 174 -15.21 27.47 23.86
C THR B 174 -15.53 28.96 24.05
N GLY B 175 -16.72 29.40 23.61
CA GLY B 175 -17.03 30.82 23.54
C GLY B 175 -16.27 31.60 22.48
N GLU B 176 -15.60 30.88 21.57
CA GLU B 176 -14.77 31.46 20.50
C GLU B 176 -15.59 31.65 19.22
N PRO B 177 -15.15 32.56 18.32
CA PRO B 177 -15.98 32.82 17.14
C PRO B 177 -16.14 31.63 16.19
N LEU B 178 -17.30 31.57 15.53
CA LEU B 178 -17.54 30.60 14.49
C LEU B 178 -17.30 31.32 13.18
N VAL B 179 -16.97 30.59 12.12
CA VAL B 179 -16.84 31.20 10.79
C VAL B 179 -17.61 30.44 9.72
N GLN B 180 -17.80 31.09 8.59
CA GLN B 180 -18.33 30.44 7.40
C GLN B 180 -17.21 30.31 6.38
N GLN B 181 -17.14 29.15 5.75
CA GLN B 181 -16.03 28.84 4.86
C GLN B 181 -16.29 29.26 3.42
N GLU B 182 -15.22 29.65 2.73
CA GLU B 182 -15.30 30.10 1.34
C GLU B 182 -15.89 29.03 0.39
N ASP B 183 -15.82 27.76 0.78
CA ASP B 183 -16.35 26.68 -0.07
C ASP B 183 -17.84 26.42 0.13
N ASP B 184 -18.44 27.05 1.14
CA ASP B 184 -19.89 26.94 1.35
C ASP B 184 -20.65 28.08 0.68
N LYS B 185 -19.93 28.93 -0.06
CA LYS B 185 -20.53 30.02 -0.86
C LYS B 185 -21.30 29.46 -2.07
N PRO B 186 -22.17 30.29 -2.70
CA PRO B 186 -23.04 29.86 -3.80
C PRO B 186 -22.36 29.12 -4.97
N GLU B 187 -21.25 29.67 -5.48
CA GLU B 187 -20.58 29.11 -6.67
C GLU B 187 -19.77 27.87 -6.33
N ALA B 188 -19.05 27.93 -5.21
CA ALA B 188 -18.28 26.81 -4.72
C ALA B 188 -19.15 25.58 -4.44
N VAL B 189 -20.28 25.78 -3.78
CA VAL B 189 -21.22 24.69 -3.52
C VAL B 189 -21.76 24.08 -4.81
N ALA B 190 -22.24 24.93 -5.73
CA ALA B 190 -22.71 24.47 -7.06
C ALA B 190 -21.64 23.65 -7.77
N ALA B 191 -20.38 24.11 -7.72
CA ALA B 191 -19.24 23.37 -8.30
C ALA B 191 -19.02 22.02 -7.61
N ARG B 192 -19.15 22.01 -6.29
CA ARG B 192 -18.93 20.78 -5.50
C ARG B 192 -20.01 19.73 -5.73
N LEU B 193 -21.23 20.21 -5.96
CA LEU B 193 -22.35 19.32 -6.29
C LEU B 193 -22.21 18.65 -7.63
N ARG B 194 -21.74 19.41 -8.63
CA ARG B 194 -21.47 18.88 -9.95
C ARG B 194 -20.36 17.84 -9.90
N GLN B 195 -19.23 18.20 -9.28
CA GLN B 195 -18.11 17.26 -9.09
C GLN B 195 -18.63 15.95 -8.50
N TYR B 196 -19.49 16.07 -7.47
CA TYR B 196 -20.07 14.91 -6.79
C TYR B 196 -20.95 14.09 -7.72
N LYS B 197 -21.91 14.73 -8.36
CA LYS B 197 -22.86 14.05 -9.23
C LYS B 197 -22.15 13.11 -10.23
N ASP B 198 -21.17 13.66 -10.94
CA ASP B 198 -20.43 12.91 -11.97
C ASP B 198 -19.61 11.72 -11.44
N VAL B 199 -19.02 11.88 -10.26
CA VAL B 199 -18.14 10.86 -9.70
C VAL B 199 -18.93 9.80 -8.91
N ALA B 200 -20.06 10.21 -8.32
CA ALA B 200 -20.78 9.36 -7.37
C ALA B 200 -21.86 8.47 -7.97
N LYS B 201 -22.43 8.89 -9.09
CA LYS B 201 -23.45 8.11 -9.79
C LYS B 201 -23.01 6.66 -10.07
N PRO B 202 -21.80 6.46 -10.65
CA PRO B 202 -21.29 5.11 -10.88
C PRO B 202 -21.14 4.29 -9.59
N VAL B 203 -20.65 4.94 -8.53
CA VAL B 203 -20.46 4.28 -7.23
C VAL B 203 -21.80 3.77 -6.68
N ILE B 204 -22.81 4.64 -6.67
CA ILE B 204 -24.15 4.29 -6.19
C ILE B 204 -24.78 3.20 -7.06
N GLU B 205 -24.64 3.32 -8.38
CA GLU B 205 -25.12 2.29 -9.30
C GLU B 205 -24.41 0.94 -9.15
N LEU B 206 -23.12 0.96 -8.82
CA LEU B 206 -22.38 -0.27 -8.54
C LEU B 206 -22.93 -0.98 -7.30
N TYR B 207 -23.17 -0.22 -6.24
CA TYR B 207 -23.71 -0.82 -5.00
C TYR B 207 -25.16 -1.25 -5.14
N LYS B 208 -25.95 -0.47 -5.88
CA LYS B 208 -27.31 -0.84 -6.25
C LYS B 208 -27.32 -2.21 -6.92
N SER B 209 -26.46 -2.41 -7.92
CA SER B 209 -26.42 -3.71 -8.61
C SER B 209 -25.89 -4.89 -7.78
N ARG B 210 -25.17 -4.63 -6.69
CA ARG B 210 -24.74 -5.70 -5.76
C ARG B 210 -25.78 -6.07 -4.70
N GLY B 211 -26.86 -5.30 -4.62
CA GLY B 211 -27.93 -5.59 -3.67
C GLY B 211 -27.72 -5.07 -2.25
N VAL B 212 -26.77 -4.15 -2.07
CA VAL B 212 -26.42 -3.69 -0.72
C VAL B 212 -26.72 -2.20 -0.50
N LEU B 213 -27.35 -1.57 -1.48
CA LEU B 213 -27.70 -0.15 -1.38
C LEU B 213 -29.03 0.12 -0.67
N HIS B 214 -28.99 1.04 0.29
CA HIS B 214 -30.18 1.51 0.98
C HIS B 214 -30.20 3.02 0.83
N GLN B 215 -31.17 3.53 0.06
CA GLN B 215 -31.26 4.94 -0.27
C GLN B 215 -32.35 5.61 0.53
N PHE B 216 -32.03 6.77 1.09
CA PHE B 216 -32.97 7.52 1.90
C PHE B 216 -33.16 8.90 1.32
N SER B 217 -34.40 9.21 0.94
CA SER B 217 -34.71 10.46 0.27
C SER B 217 -35.52 11.33 1.22
N GLY B 218 -35.39 12.65 1.07
CA GLY B 218 -36.11 13.58 1.96
C GLY B 218 -35.32 14.86 2.06
N THR B 219 -35.70 15.71 3.00
CA THR B 219 -35.07 17.03 3.15
C THR B 219 -34.66 17.34 4.58
N GLU B 220 -35.10 16.50 5.51
CA GLU B 220 -34.83 16.68 6.92
C GLU B 220 -34.13 15.45 7.45
N THR B 221 -32.94 15.64 8.02
CA THR B 221 -32.19 14.57 8.68
C THR B 221 -33.03 13.87 9.77
N ASN B 222 -33.88 14.62 10.45
CA ASN B 222 -34.69 14.08 11.55
C ASN B 222 -35.83 13.16 11.09
N LYS B 223 -36.19 13.22 9.81
CA LYS B 223 -37.20 12.32 9.26
C LYS B 223 -36.55 11.07 8.66
N ILE B 224 -35.29 11.22 8.23
CA ILE B 224 -34.52 10.12 7.64
C ILE B 224 -33.96 9.20 8.73
N TRP B 225 -33.54 9.82 9.84
CA TRP B 225 -32.81 9.10 10.89
C TRP B 225 -33.51 7.86 11.47
N PRO B 226 -34.81 7.96 11.80
CA PRO B 226 -35.49 6.76 12.31
C PRO B 226 -35.37 5.54 11.38
N TYR B 227 -35.36 5.78 10.07
CA TYR B 227 -35.20 4.70 9.08
C TYR B 227 -33.78 4.13 9.02
N VAL B 228 -32.79 5.02 9.11
CA VAL B 228 -31.39 4.63 9.20
C VAL B 228 -31.14 3.86 10.52
N TYR B 229 -31.77 4.30 11.61
CA TYR B 229 -31.63 3.63 12.90
C TYR B 229 -32.12 2.19 12.80
N THR B 230 -33.31 2.02 12.22
CA THR B 230 -33.94 0.70 12.07
C THR B 230 -33.03 -0.24 11.28
N LEU B 231 -32.43 0.28 10.23
CA LEU B 231 -31.52 -0.48 9.38
C LEU B 231 -30.33 -1.02 10.17
N PHE B 232 -29.63 -0.14 10.89
CA PHE B 232 -28.48 -0.52 11.71
C PHE B 232 -28.87 -1.44 12.88
N SER B 233 -30.05 -1.24 13.44
CA SER B 233 -30.52 -2.11 14.53
C SER B 233 -30.73 -3.56 14.07
N ASN B 234 -30.99 -3.76 12.78
CA ASN B 234 -31.08 -5.10 12.18
C ASN B 234 -29.71 -5.78 12.06
N LYS B 235 -28.66 -4.97 12.09
CA LYS B 235 -27.30 -5.44 11.78
C LYS B 235 -26.33 -5.41 12.97
N ILE B 236 -26.53 -4.48 13.91
CA ILE B 236 -25.74 -4.45 15.16
C ILE B 236 -26.60 -4.02 16.34
N THR B 237 -26.28 -4.53 17.53
CA THR B 237 -27.06 -4.26 18.74
C THR B 237 -26.93 -2.80 19.19
N PRO B 238 -28.08 -2.10 19.35
CA PRO B 238 -28.07 -0.75 19.90
C PRO B 238 -27.70 -0.77 21.38
N ILE B 239 -27.07 0.31 21.85
CA ILE B 239 -26.74 0.43 23.26
C ILE B 239 -28.04 0.54 24.05
N GLN B 240 -28.12 -0.25 25.11
CA GLN B 240 -29.30 -0.31 25.96
C GLN B 240 -29.21 0.64 27.14
N SER B 241 -30.37 1.10 27.59
CA SER B 241 -30.46 1.93 28.77
C SER B 241 -29.95 1.16 30.00
N LYS B 242 -29.21 1.85 30.87
CA LYS B 242 -28.68 1.24 32.11
C LYS B 242 -29.79 0.70 33.02
N GLU B 243 -31.02 1.18 32.83
CA GLU B 243 -32.18 0.79 33.63
C GLU B 243 -33.01 -0.31 32.97
N ALA B 244 -32.41 -1.00 31.99
CA ALA B 244 -33.12 -2.00 31.20
C ALA B 244 -32.97 -3.45 31.72
N TYR B 245 -33.78 -3.79 32.72
CA TYR B 245 -33.84 -5.15 33.25
C TYR B 245 -35.18 -5.43 33.94
#